data_3T0S
#
_entry.id   3T0S
#
_cell.length_a   91.227
_cell.length_b   115.032
_cell.length_c   100.632
_cell.angle_alpha   90.00
_cell.angle_beta   90.00
_cell.angle_gamma   90.00
#
_symmetry.space_group_name_H-M   'C 2 2 21'
#
loop_
_entity.id
_entity.type
_entity.pdbx_description
1 polymer porin
2 non-polymer (HYDROXYETHYLOXY)TRI(ETHYLOXY)OCTANE
3 water water
#
_entity_poly.entity_id   1
_entity_poly.type   'polypeptide(L)'
_entity_poly.pdbx_seq_one_letter_code
;EFLADSSAHLDLRNFYQLRDYRQHDAPQSQAGNWSQGFVLRLQSGFTGGPLGFGLDATGLLGVKLDSGRGRSNDGTLPFG
ANSKEPVDDYSHLGLTAKLRYSQTQLQVGILMPQLPVAFRDDVRLLPQTFDGALLTSSEIEGLTLTAGQLWKSRTRESAG
SDDMYIMGRDKAHASDEFNLAGATYAFTPRLSASYYYGQLKDIYRQHYLGLLHTLPLGEGLSLRSDLRYFDSGEDGAAIS
GPVDNRNLNAMLTLRAGAHAFGIGVQKMIGNDAFPVLNGYTTPYVANLMAYQTFTRPQEKSWQLRYDYDFAGLGLPGLNL
MTRYVQGRDIDRGAGRADDSEWERNTDLSYVIQSGPLKSVALKWRNITYRSRYGADLDENRFIVNYTLKLWGGHHHHHH
;
_entity_poly.pdbx_strand_id   A
#
# COMPACT_ATOMS: atom_id res chain seq x y z
N LEU A 3 -22.82 -14.93 20.19
CA LEU A 3 -22.45 -14.23 18.95
C LEU A 3 -22.22 -12.74 19.13
N ALA A 4 -22.16 -12.29 20.37
CA ALA A 4 -22.03 -10.86 20.67
C ALA A 4 -20.70 -10.26 20.19
N ASP A 5 -19.69 -11.12 20.00
CA ASP A 5 -18.38 -10.67 19.57
C ASP A 5 -18.35 -10.45 18.07
N SER A 6 -19.42 -10.82 17.39
CA SER A 6 -19.47 -10.63 15.95
C SER A 6 -19.75 -9.15 15.67
N SER A 7 -19.42 -8.71 14.47
CA SER A 7 -19.71 -7.34 14.05
C SER A 7 -19.91 -7.27 12.55
N ALA A 8 -20.62 -6.23 12.10
CA ALA A 8 -20.79 -5.96 10.69
C ALA A 8 -20.59 -4.47 10.39
N HIS A 9 -19.89 -4.17 9.30
CA HIS A 9 -19.70 -2.78 8.91
C HIS A 9 -19.88 -2.63 7.42
N LEU A 10 -20.22 -1.42 7.01
CA LEU A 10 -20.28 -1.10 5.60
C LEU A 10 -19.39 0.12 5.38
N ASP A 11 -18.33 -0.07 4.60
CA ASP A 11 -17.42 1.02 4.28
C ASP A 11 -17.88 1.66 2.97
N LEU A 12 -18.06 2.97 2.99
CA LEU A 12 -18.52 3.68 1.80
C LEU A 12 -17.42 4.58 1.27
N ARG A 13 -17.17 4.52 -0.03
CA ARG A 13 -16.20 5.43 -0.63
C ARG A 13 -16.72 6.09 -1.87
N ASN A 14 -16.74 7.43 -1.86
CA ASN A 14 -17.12 8.20 -3.04
C ASN A 14 -15.89 8.90 -3.61
N PHE A 15 -15.66 8.70 -4.90
CA PHE A 15 -14.38 8.98 -5.50
C PHE A 15 -14.63 9.75 -6.78
N TYR A 16 -14.10 10.96 -6.84
CA TYR A 16 -14.18 11.74 -8.05
C TYR A 16 -12.80 12.16 -8.49
N GLN A 17 -12.46 11.89 -9.74
CA GLN A 17 -11.17 12.30 -10.25
C GLN A 17 -11.32 13.02 -11.58
N LEU A 18 -10.58 14.12 -11.70
CA LEU A 18 -10.53 14.87 -12.93
C LEU A 18 -9.09 14.83 -13.40
N ARG A 19 -8.85 14.15 -14.51
CA ARG A 19 -7.49 13.98 -15.02
C ARG A 19 -7.25 14.78 -16.29
N ASP A 20 -6.03 15.29 -16.41
CA ASP A 20 -5.55 15.91 -17.64
C ASP A 20 -4.24 15.23 -18.01
N TYR A 21 -4.34 14.13 -18.74
CA TYR A 21 -3.19 13.31 -19.12
C TYR A 21 -2.78 13.58 -20.56
N ARG A 22 -1.49 13.78 -20.80
CA ARG A 22 -1.00 13.94 -22.18
C ARG A 22 0.48 13.61 -22.35
N GLN A 23 0.92 13.42 -23.59
CA GLN A 23 2.31 13.11 -23.87
C GLN A 23 3.10 14.36 -24.24
N SER A 29 -6.01 16.42 -22.82
CA SER A 29 -7.14 15.51 -22.62
C SER A 29 -7.65 15.59 -21.19
N GLN A 30 -8.76 16.29 -21.01
CA GLN A 30 -9.38 16.43 -19.69
C GLN A 30 -10.61 15.51 -19.53
N ALA A 31 -10.42 14.40 -18.82
CA ALA A 31 -11.48 13.41 -18.61
C ALA A 31 -11.82 13.22 -17.13
N GLY A 32 -13.10 13.03 -16.85
CA GLY A 32 -13.59 12.90 -15.49
C GLY A 32 -14.10 11.51 -15.16
N ASN A 33 -14.22 11.22 -13.87
CA ASN A 33 -14.71 9.94 -13.39
C ASN A 33 -15.32 10.11 -12.02
N TRP A 34 -16.53 9.60 -11.86
CA TRP A 34 -17.18 9.63 -10.58
C TRP A 34 -17.68 8.22 -10.33
N SER A 35 -17.38 7.67 -9.16
CA SER A 35 -17.83 6.32 -8.82
C SER A 35 -17.96 6.10 -7.32
N GLN A 36 -18.57 4.99 -6.93
CA GLN A 36 -18.94 4.75 -5.55
C GLN A 36 -18.62 3.32 -5.16
N GLY A 37 -17.94 3.17 -4.03
CA GLY A 37 -17.55 1.87 -3.55
C GLY A 37 -18.29 1.49 -2.29
N PHE A 38 -18.55 0.19 -2.16
CA PHE A 38 -19.11 -0.39 -0.96
C PHE A 38 -18.24 -1.58 -0.57
N VAL A 39 -17.86 -1.66 0.70
CA VAL A 39 -17.19 -2.85 1.22
C VAL A 39 -17.91 -3.28 2.47
N LEU A 40 -18.58 -4.43 2.36
CA LEU A 40 -19.33 -5.01 3.45
C LEU A 40 -18.42 -5.97 4.21
N ARG A 41 -18.18 -5.67 5.47
CA ARG A 41 -17.32 -6.51 6.31
C ARG A 41 -18.13 -7.19 7.41
N LEU A 42 -18.21 -8.51 7.34
CA LEU A 42 -18.87 -9.29 8.38
C LEU A 42 -17.77 -10.03 9.12
N GLN A 43 -17.75 -9.96 10.45
CA GLN A 43 -16.73 -10.66 11.21
C GLN A 43 -17.37 -11.36 12.39
N SER A 44 -17.21 -12.67 12.46
CA SER A 44 -17.79 -13.42 13.55
C SER A 44 -16.85 -13.25 14.72
N GLY A 45 -17.33 -13.53 15.93
CA GLY A 45 -16.43 -13.73 17.04
C GLY A 45 -15.76 -15.09 16.90
N PHE A 46 -15.05 -15.52 17.93
CA PHE A 46 -14.37 -16.81 17.89
C PHE A 46 -15.05 -17.86 18.76
N THR A 47 -15.16 -19.08 18.24
CA THR A 47 -15.66 -20.20 19.03
C THR A 47 -14.82 -20.37 20.29
N GLY A 48 -15.48 -20.40 21.45
CA GLY A 48 -14.79 -20.51 22.73
C GLY A 48 -13.87 -21.70 22.85
N GLY A 49 -12.90 -21.62 23.77
CA GLY A 49 -11.95 -22.71 23.99
C GLY A 49 -10.57 -22.37 23.48
N PRO A 50 -9.56 -23.18 23.86
CA PRO A 50 -8.16 -22.99 23.47
C PRO A 50 -7.97 -22.74 21.96
N LEU A 51 -8.49 -23.65 21.14
CA LEU A 51 -8.45 -23.49 19.68
C LEU A 51 -9.77 -22.90 19.15
N GLY A 52 -9.78 -21.60 18.89
CA GLY A 52 -10.98 -20.92 18.42
C GLY A 52 -11.20 -20.90 16.92
N PHE A 53 -12.48 -20.91 16.52
CA PHE A 53 -12.88 -20.89 15.13
C PHE A 53 -13.78 -19.69 14.84
N GLY A 54 -13.58 -19.06 13.69
CA GLY A 54 -14.42 -17.96 13.27
C GLY A 54 -14.56 -17.89 11.76
N LEU A 55 -15.44 -17.00 11.30
CA LEU A 55 -15.69 -16.82 9.87
C LEU A 55 -15.94 -15.34 9.58
N ASP A 56 -15.21 -14.77 8.62
CA ASP A 56 -15.49 -13.42 8.13
C ASP A 56 -15.98 -13.51 6.69
N ALA A 57 -16.68 -12.47 6.26
CA ALA A 57 -17.09 -12.33 4.88
C ALA A 57 -16.78 -10.91 4.45
N THR A 58 -16.25 -10.74 3.25
CA THR A 58 -15.98 -9.41 2.72
C THR A 58 -16.67 -9.27 1.38
N GLY A 59 -17.66 -8.38 1.30
CA GLY A 59 -18.38 -8.15 0.05
C GLY A 59 -17.95 -6.84 -0.58
N LEU A 60 -17.64 -6.85 -1.88
CA LEU A 60 -17.20 -5.64 -2.57
C LEU A 60 -18.07 -5.28 -3.75
N LEU A 61 -18.42 -3.99 -3.85
CA LEU A 61 -19.22 -3.49 -4.96
C LEU A 61 -18.72 -2.12 -5.42
N GLY A 62 -18.42 -2.02 -6.71
CA GLY A 62 -18.02 -0.76 -7.30
C GLY A 62 -19.06 -0.35 -8.32
N VAL A 63 -19.45 0.91 -8.28
CA VAL A 63 -20.51 1.39 -9.16
C VAL A 63 -20.07 2.63 -9.88
N LYS A 64 -20.25 2.65 -11.20
CA LYS A 64 -19.89 3.81 -11.99
C LYS A 64 -21.01 4.82 -11.87
N LEU A 65 -20.66 6.08 -11.64
CA LEU A 65 -21.64 7.16 -11.68
C LEU A 65 -21.19 8.10 -12.78
N PRO A 86 -26.47 5.12 -12.68
CA PRO A 86 -25.46 4.29 -12.02
C PRO A 86 -25.41 2.87 -12.56
N VAL A 87 -24.24 2.39 -12.94
CA VAL A 87 -24.10 1.03 -13.49
C VAL A 87 -23.13 0.16 -12.68
N ASP A 88 -23.62 -0.97 -12.19
CA ASP A 88 -22.77 -1.94 -11.48
C ASP A 88 -21.54 -2.25 -12.30
N ASP A 89 -20.39 -2.09 -11.68
CA ASP A 89 -19.12 -2.14 -12.37
C ASP A 89 -18.31 -3.36 -11.96
N TYR A 90 -18.37 -3.69 -10.69
CA TYR A 90 -17.60 -4.79 -10.12
C TYR A 90 -18.23 -5.23 -8.81
N SER A 91 -18.33 -6.53 -8.63
CA SER A 91 -18.74 -7.07 -7.34
C SER A 91 -18.01 -8.39 -7.09
N HIS A 92 -17.78 -8.69 -5.83
CA HIS A 92 -17.15 -9.95 -5.45
C HIS A 92 -17.50 -10.22 -4.01
N LEU A 93 -17.66 -11.48 -3.68
CA LEU A 93 -17.86 -11.88 -2.31
C LEU A 93 -16.80 -12.91 -1.94
N GLY A 94 -16.04 -12.63 -0.89
CA GLY A 94 -15.06 -13.60 -0.41
C GLY A 94 -15.33 -13.93 1.03
N LEU A 95 -14.97 -15.15 1.42
CA LEU A 95 -15.03 -15.59 2.81
C LEU A 95 -13.64 -15.80 3.33
N THR A 96 -13.50 -15.66 4.64
CA THR A 96 -12.24 -15.89 5.33
C THR A 96 -12.46 -16.71 6.60
N ALA A 97 -12.03 -17.97 6.57
CA ALA A 97 -12.06 -18.80 7.76
C ALA A 97 -10.93 -18.34 8.65
N LYS A 98 -11.14 -18.34 9.96
CA LYS A 98 -10.08 -17.98 10.89
C LYS A 98 -9.98 -18.96 12.06
N LEU A 99 -8.74 -19.35 12.40
CA LEU A 99 -8.47 -20.16 13.58
C LEU A 99 -7.59 -19.35 14.51
N ARG A 100 -7.71 -19.60 15.81
CA ARG A 100 -6.88 -18.89 16.78
C ARG A 100 -6.47 -19.78 17.95
N TYR A 101 -5.21 -19.64 18.37
CA TYR A 101 -4.68 -20.38 19.51
C TYR A 101 -3.59 -19.53 20.15
N SER A 102 -3.70 -19.29 21.45
CA SER A 102 -2.76 -18.43 22.15
C SER A 102 -2.60 -17.11 21.40
N GLN A 103 -1.41 -16.89 20.83
CA GLN A 103 -1.12 -15.65 20.11
C GLN A 103 -0.91 -15.88 18.61
N THR A 104 -1.45 -16.99 18.11
CA THR A 104 -1.25 -17.36 16.72
C THR A 104 -2.59 -17.40 16.00
N GLN A 105 -2.61 -16.90 14.78
CA GLN A 105 -3.85 -16.86 14.01
C GLN A 105 -3.63 -17.35 12.60
N LEU A 106 -4.54 -18.18 12.11
CA LEU A 106 -4.51 -18.57 10.71
C LEU A 106 -5.76 -18.01 10.02
N GLN A 107 -5.58 -17.39 8.87
CA GLN A 107 -6.73 -16.97 8.08
C GLN A 107 -6.66 -17.65 6.73
N VAL A 108 -7.78 -18.21 6.27
CA VAL A 108 -7.79 -18.83 4.96
C VAL A 108 -8.98 -18.29 4.16
N GLY A 109 -8.69 -17.64 3.03
CA GLY A 109 -9.73 -17.13 2.16
C GLY A 109 -9.37 -15.78 1.60
N ILE A 110 -10.32 -14.86 1.59
CA ILE A 110 -10.04 -13.52 1.10
C ILE A 110 -9.16 -12.75 2.09
N LEU A 111 -8.16 -12.05 1.58
CA LEU A 111 -7.20 -11.36 2.42
C LEU A 111 -6.86 -10.01 1.85
N MET A 112 -6.48 -9.10 2.75
CA MET A 112 -5.89 -7.83 2.37
C MET A 112 -4.56 -7.67 3.08
N PRO A 113 -3.51 -8.33 2.56
CA PRO A 113 -2.18 -8.23 3.17
C PRO A 113 -1.64 -6.80 3.10
N GLN A 114 -0.95 -6.37 4.14
CA GLN A 114 -0.26 -5.09 4.15
C GLN A 114 1.17 -5.32 4.59
N LEU A 115 1.95 -6.00 3.75
CA LEU A 115 3.28 -6.46 4.09
C LEU A 115 4.31 -5.89 3.12
N PRO A 116 5.57 -5.80 3.57
CA PRO A 116 6.59 -5.16 2.74
C PRO A 116 6.74 -5.79 1.34
N VAL A 117 6.47 -7.10 1.20
CA VAL A 117 6.56 -7.77 -0.09
C VAL A 117 5.20 -7.96 -0.80
N ALA A 118 4.13 -7.47 -0.18
CA ALA A 118 2.78 -7.58 -0.74
C ALA A 118 1.85 -6.64 0.03
N PHE A 119 1.75 -5.41 -0.45
CA PHE A 119 0.98 -4.39 0.23
C PHE A 119 -0.18 -4.02 -0.68
N ARG A 120 -1.36 -4.57 -0.36
CA ARG A 120 -2.52 -4.48 -1.24
C ARG A 120 -2.93 -3.01 -1.45
N ASP A 121 -3.27 -2.70 -2.69
CA ASP A 121 -3.66 -1.36 -3.07
C ASP A 121 -4.98 -0.94 -2.43
N ASP A 122 -5.04 0.30 -1.93
CA ASP A 122 -6.30 0.89 -1.47
C ASP A 122 -6.38 2.39 -1.71
N VAL A 123 -5.71 2.88 -2.75
CA VAL A 123 -5.73 4.30 -3.04
C VAL A 123 -6.69 4.59 -4.19
N ARG A 124 -7.43 3.58 -4.62
CA ARG A 124 -8.44 3.77 -5.65
C ARG A 124 -9.81 3.64 -5.03
N LEU A 125 -10.74 3.05 -5.78
CA LEU A 125 -12.13 2.97 -5.33
C LEU A 125 -12.33 1.87 -4.30
N LEU A 126 -11.84 0.68 -4.62
CA LEU A 126 -11.99 -0.46 -3.76
C LEU A 126 -10.63 -1.03 -3.43
N PRO A 127 -10.53 -1.72 -2.29
CA PRO A 127 -9.25 -2.37 -1.97
C PRO A 127 -9.01 -3.53 -2.90
N GLN A 128 -7.76 -3.71 -3.31
CA GLN A 128 -7.31 -4.93 -3.95
C GLN A 128 -7.40 -6.06 -2.92
N THR A 129 -7.81 -7.24 -3.34
CA THR A 129 -7.81 -8.39 -2.43
C THR A 129 -7.02 -9.54 -3.00
N PHE A 130 -6.64 -10.47 -2.12
CA PHE A 130 -5.94 -11.69 -2.53
C PHE A 130 -6.71 -12.87 -1.93
N ASP A 131 -6.63 -14.04 -2.55
CA ASP A 131 -7.03 -15.27 -1.88
C ASP A 131 -5.76 -15.97 -1.46
N GLY A 132 -5.73 -16.43 -0.22
CA GLY A 132 -4.59 -17.17 0.28
C GLY A 132 -4.76 -17.70 1.69
N ALA A 133 -3.65 -18.11 2.27
CA ALA A 133 -3.63 -18.54 3.66
C ALA A 133 -2.49 -17.78 4.34
N LEU A 134 -2.80 -17.18 5.48
CA LEU A 134 -1.86 -16.33 6.21
C LEU A 134 -1.80 -16.70 7.69
N LEU A 135 -0.61 -17.06 8.15
CA LEU A 135 -0.38 -17.45 9.54
C LEU A 135 0.42 -16.35 10.20
N THR A 136 -0.06 -15.82 11.32
CA THR A 136 0.68 -14.82 12.08
C THR A 136 0.83 -15.30 13.51
N SER A 137 1.99 -15.07 14.12
CA SER A 137 2.20 -15.59 15.45
C SER A 137 3.07 -14.64 16.25
N SER A 138 2.60 -14.31 17.45
CA SER A 138 3.28 -13.37 18.33
C SER A 138 3.41 -13.97 19.71
N GLU A 139 3.88 -15.21 19.76
CA GLU A 139 4.00 -15.95 21.01
C GLU A 139 5.09 -15.38 21.92
N ILE A 140 6.16 -14.88 21.31
CA ILE A 140 7.31 -14.37 22.05
C ILE A 140 7.31 -12.84 22.08
N GLU A 141 7.54 -12.26 23.26
CA GLU A 141 7.54 -10.81 23.43
C GLU A 141 8.33 -10.09 22.35
N GLY A 142 7.72 -9.10 21.71
CA GLY A 142 8.40 -8.27 20.74
C GLY A 142 8.66 -8.92 19.39
N LEU A 143 8.16 -10.15 19.20
CA LEU A 143 8.41 -10.87 17.97
C LEU A 143 7.14 -11.26 17.25
N THR A 144 7.04 -10.94 15.98
CA THR A 144 5.92 -11.37 15.16
C THR A 144 6.42 -12.17 13.97
N LEU A 145 5.89 -13.37 13.83
CA LEU A 145 6.32 -14.23 12.73
C LEU A 145 5.17 -14.37 11.77
N THR A 146 5.48 -14.34 10.49
CA THR A 146 4.45 -14.45 9.45
C THR A 146 4.84 -15.47 8.39
N ALA A 147 3.86 -16.24 7.93
CA ALA A 147 4.06 -17.18 6.85
C ALA A 147 2.76 -17.26 6.09
N GLY A 148 2.84 -17.18 4.78
CA GLY A 148 1.63 -17.15 4.00
C GLY A 148 1.80 -17.62 2.57
N GLN A 149 0.69 -17.91 1.93
CA GLN A 149 0.70 -18.18 0.52
C GLN A 149 -0.52 -17.52 -0.09
N LEU A 150 -0.30 -16.75 -1.15
CA LEU A 150 -1.40 -16.16 -1.91
C LEU A 150 -1.55 -16.89 -3.24
N TRP A 151 -2.80 -17.13 -3.65
CA TRP A 151 -3.07 -17.92 -4.85
C TRP A 151 -3.65 -17.05 -5.96
N LYS A 152 -4.36 -15.99 -5.59
CA LYS A 152 -4.88 -15.07 -6.60
C LYS A 152 -5.04 -13.63 -6.15
N SER A 153 -4.95 -12.75 -7.13
CA SER A 153 -5.09 -11.31 -6.94
C SER A 153 -6.37 -10.87 -7.64
N ARG A 154 -7.17 -10.04 -6.97
CA ARG A 154 -8.41 -9.48 -7.54
C ARG A 154 -8.46 -7.97 -7.51
N THR A 155 -8.69 -7.35 -8.68
CA THR A 155 -9.01 -5.92 -8.74
C THR A 155 -10.19 -5.66 -9.67
N ARG A 156 -10.78 -4.46 -9.57
CA ARG A 156 -11.91 -4.05 -10.42
C ARG A 156 -11.64 -4.25 -11.91
N GLU A 157 -10.41 -4.69 -12.23
CA GLU A 157 -10.03 -5.10 -13.57
C GLU A 157 -9.32 -6.47 -13.54
N SER A 161 -9.57 -14.97 -15.16
CA SER A 161 -8.39 -14.35 -15.76
C SER A 161 -7.40 -13.91 -14.67
N ASP A 162 -7.21 -14.76 -13.68
CA ASP A 162 -6.36 -14.43 -12.54
C ASP A 162 -4.94 -15.02 -12.70
N ASP A 163 -4.32 -15.32 -11.56
CA ASP A 163 -2.90 -15.64 -11.48
C ASP A 163 -2.05 -14.39 -11.45
N MET A 164 -0.91 -14.50 -10.82
CA MET A 164 -0.07 -13.36 -10.47
C MET A 164 1.19 -13.25 -11.33
N TYR A 165 1.65 -12.02 -11.51
CA TYR A 165 2.84 -11.78 -12.32
C TYR A 165 3.44 -10.45 -11.87
N ILE A 166 4.67 -10.17 -12.28
CA ILE A 166 5.28 -8.88 -11.99
C ILE A 166 4.53 -7.81 -12.75
N MET A 167 4.16 -6.73 -12.06
CA MET A 167 3.47 -5.60 -12.67
C MET A 167 4.27 -5.06 -13.86
N GLY A 168 3.64 -5.03 -15.04
CA GLY A 168 4.32 -4.60 -16.25
C GLY A 168 4.78 -5.72 -17.17
N ARG A 169 4.63 -6.98 -16.76
CA ARG A 169 5.08 -8.10 -17.60
C ARG A 169 3.96 -9.02 -18.13
N ASP A 170 4.36 -10.13 -18.76
CA ASP A 170 3.45 -11.02 -19.51
C ASP A 170 2.38 -11.74 -18.65
N LYS A 171 1.13 -11.27 -18.73
CA LYS A 171 0.09 -11.87 -17.91
C LYS A 171 -0.15 -13.33 -18.31
N ALA A 172 0.33 -13.71 -19.48
CA ALA A 172 0.26 -15.09 -19.94
C ALA A 172 1.27 -15.99 -19.23
N HIS A 173 2.40 -15.43 -18.80
CA HIS A 173 3.36 -16.21 -18.04
C HIS A 173 3.21 -15.93 -16.53
N ALA A 174 2.11 -16.44 -15.98
CA ALA A 174 1.71 -16.12 -14.62
C ALA A 174 1.88 -17.31 -13.70
N SER A 175 1.72 -17.08 -12.40
CA SER A 175 1.90 -18.15 -11.44
C SER A 175 0.78 -18.05 -10.43
N ASP A 176 0.33 -19.18 -9.90
CA ASP A 176 -0.76 -19.15 -8.93
C ASP A 176 -0.25 -19.29 -7.49
N GLU A 177 1.04 -19.02 -7.29
CA GLU A 177 1.64 -19.27 -6.00
C GLU A 177 2.65 -18.20 -5.57
N PHE A 178 2.22 -17.38 -4.62
CA PHE A 178 3.10 -16.39 -4.03
C PHE A 178 3.37 -16.77 -2.59
N ASN A 179 4.60 -17.11 -2.29
CA ASN A 179 4.97 -17.53 -0.95
C ASN A 179 5.65 -16.40 -0.20
N LEU A 180 5.27 -16.22 1.06
CA LEU A 180 5.87 -15.16 1.87
C LEU A 180 6.16 -15.62 3.31
N ALA A 181 7.23 -15.11 3.87
CA ALA A 181 7.59 -15.44 5.25
C ALA A 181 8.31 -14.24 5.81
N GLY A 182 8.06 -13.93 7.09
CA GLY A 182 8.65 -12.76 7.67
C GLY A 182 8.78 -12.77 9.18
N ALA A 183 9.60 -11.86 9.69
CA ALA A 183 9.79 -11.70 11.11
C ALA A 183 10.02 -10.24 11.37
N THR A 184 9.34 -9.71 12.38
CA THR A 184 9.62 -8.37 12.86
C THR A 184 10.01 -8.48 14.33
N TYR A 185 11.05 -7.78 14.73
CA TYR A 185 11.46 -7.77 16.13
C TYR A 185 11.70 -6.37 16.65
N ALA A 186 11.02 -6.03 17.75
CA ALA A 186 11.26 -4.76 18.45
C ALA A 186 12.41 -4.91 19.44
N PHE A 187 13.62 -4.52 19.02
CA PHE A 187 14.77 -4.59 19.92
C PHE A 187 14.56 -3.72 21.15
N THR A 188 14.07 -2.50 20.94
CA THR A 188 13.67 -1.62 22.01
C THR A 188 12.40 -0.95 21.51
N PRO A 189 11.74 -0.15 22.35
CA PRO A 189 10.54 0.51 21.84
C PRO A 189 10.89 1.63 20.85
N ARG A 190 12.19 1.90 20.70
CA ARG A 190 12.70 2.89 19.75
C ARG A 190 13.20 2.25 18.45
N LEU A 191 13.54 0.96 18.52
CA LEU A 191 14.26 0.30 17.44
C LEU A 191 13.70 -1.08 17.11
N SER A 192 13.24 -1.25 15.88
CA SER A 192 12.76 -2.53 15.41
C SER A 192 13.32 -2.87 14.04
N ALA A 193 13.40 -4.15 13.74
CA ALA A 193 13.91 -4.60 12.47
C ALA A 193 12.95 -5.61 11.86
N SER A 194 12.92 -5.68 10.54
CA SER A 194 12.03 -6.57 9.83
C SER A 194 12.74 -7.25 8.70
N TYR A 195 12.49 -8.54 8.55
CA TYR A 195 12.95 -9.25 7.37
C TYR A 195 11.78 -9.98 6.74
N TYR A 196 11.61 -9.85 5.43
CA TYR A 196 10.58 -10.58 4.70
C TYR A 196 11.13 -11.21 3.43
N TYR A 197 10.53 -12.35 3.05
CA TYR A 197 10.87 -13.04 1.82
C TYR A 197 9.59 -13.23 1.01
N GLY A 198 9.61 -12.81 -0.25
CA GLY A 198 8.48 -13.01 -1.14
C GLY A 198 8.92 -13.86 -2.33
N GLN A 199 8.12 -14.86 -2.67
CA GLN A 199 8.46 -15.71 -3.82
C GLN A 199 7.25 -15.97 -4.69
N LEU A 200 7.24 -15.38 -5.88
CA LEU A 200 6.20 -15.70 -6.86
C LEU A 200 6.77 -16.88 -7.61
N LYS A 201 6.28 -18.07 -7.29
CA LYS A 201 6.88 -19.32 -7.77
C LYS A 201 7.14 -19.33 -9.29
N ASP A 202 8.36 -19.65 -9.65
CA ASP A 202 8.81 -19.64 -11.04
C ASP A 202 8.94 -18.28 -11.74
N ILE A 203 8.75 -17.20 -11.00
CA ILE A 203 8.88 -15.87 -11.61
C ILE A 203 9.95 -15.02 -10.91
N TYR A 204 9.74 -14.72 -9.62
CA TYR A 204 10.73 -13.97 -8.87
C TYR A 204 10.78 -14.27 -7.37
N ARG A 205 11.89 -13.90 -6.77
CA ARG A 205 12.17 -13.98 -5.33
C ARG A 205 12.55 -12.59 -4.86
N GLN A 206 12.18 -12.23 -3.64
CA GLN A 206 12.48 -10.90 -3.14
C GLN A 206 12.77 -10.94 -1.63
N HIS A 207 13.92 -10.39 -1.26
CA HIS A 207 14.29 -10.30 0.16
C HIS A 207 14.14 -8.86 0.58
N TYR A 208 13.60 -8.66 1.78
CA TYR A 208 13.40 -7.32 2.32
C TYR A 208 14.03 -7.21 3.67
N LEU A 209 14.75 -6.10 3.88
CA LEU A 209 15.28 -5.77 5.18
C LEU A 209 14.89 -4.34 5.54
N GLY A 210 14.28 -4.17 6.70
CA GLY A 210 13.87 -2.86 7.16
C GLY A 210 14.36 -2.57 8.55
N LEU A 211 14.79 -1.33 8.77
CA LEU A 211 15.28 -0.91 10.06
C LEU A 211 14.54 0.35 10.44
N LEU A 212 13.71 0.27 11.47
CA LEU A 212 12.94 1.42 11.93
C LEU A 212 13.46 1.98 13.26
N HIS A 213 14.00 3.19 13.21
CA HIS A 213 14.51 3.84 14.43
C HIS A 213 13.80 5.16 14.74
N THR A 214 13.25 5.26 15.95
CA THR A 214 12.62 6.48 16.41
C THR A 214 13.45 7.07 17.57
N LEU A 215 13.90 8.29 17.38
CA LEU A 215 14.75 8.97 18.33
C LEU A 215 13.99 10.15 18.93
N PRO A 216 13.69 10.10 20.24
CA PRO A 216 13.05 11.25 20.90
C PRO A 216 14.03 12.42 21.01
N LEU A 217 13.55 13.64 20.84
CA LEU A 217 14.45 14.79 20.82
C LEU A 217 13.92 15.94 21.67
N GLY A 218 13.11 15.62 22.67
CA GLY A 218 12.48 16.62 23.52
C GLY A 218 10.97 16.61 23.31
N GLU A 219 10.26 17.41 24.09
CA GLU A 219 8.80 17.37 24.05
C GLU A 219 8.25 17.77 22.68
N GLY A 220 7.47 16.86 22.09
CA GLY A 220 6.90 17.10 20.79
C GLY A 220 7.87 16.92 19.63
N LEU A 221 9.08 16.43 19.92
CA LEU A 221 10.11 16.29 18.88
C LEU A 221 10.57 14.85 18.75
N SER A 222 10.70 14.38 17.52
CA SER A 222 11.24 13.04 17.31
C SER A 222 11.75 12.85 15.89
N LEU A 223 12.82 12.08 15.75
CA LEU A 223 13.33 11.77 14.44
C LEU A 223 13.03 10.31 14.09
N ARG A 224 12.19 10.13 13.08
CA ARG A 224 11.89 8.80 12.59
C ARG A 224 12.79 8.48 11.39
N SER A 225 13.62 7.47 11.54
CA SER A 225 14.44 6.93 10.45
C SER A 225 13.90 5.58 9.98
N ASP A 226 13.46 5.54 8.72
CA ASP A 226 12.78 4.39 8.14
C ASP A 226 13.64 3.95 6.96
N LEU A 227 14.48 2.93 7.19
CA LEU A 227 15.45 2.47 6.20
C LEU A 227 14.96 1.15 5.60
N ARG A 228 15.05 1.01 4.28
CA ARG A 228 14.51 -0.18 3.61
C ARG A 228 15.42 -0.70 2.51
N TYR A 229 15.51 -2.02 2.40
CA TYR A 229 16.31 -2.63 1.35
C TYR A 229 15.60 -3.84 0.77
N PHE A 230 15.52 -3.89 -0.54
CA PHE A 230 14.95 -5.04 -1.22
C PHE A 230 15.99 -5.59 -2.19
N ASP A 231 16.12 -6.91 -2.23
CA ASP A 231 16.91 -7.58 -3.24
C ASP A 231 15.99 -8.54 -3.98
N SER A 232 15.88 -8.36 -5.30
CA SER A 232 14.96 -9.12 -6.14
C SER A 232 15.70 -9.85 -7.26
N GLY A 233 15.44 -11.14 -7.41
CA GLY A 233 16.00 -11.91 -8.51
C GLY A 233 14.97 -12.88 -9.05
N GLU A 234 15.37 -13.66 -10.05
CA GLU A 234 14.45 -14.59 -10.68
C GLU A 234 14.22 -15.77 -9.75
N ASP A 235 13.19 -16.56 -10.03
CA ASP A 235 12.94 -17.76 -9.27
C ASP A 235 12.59 -18.91 -10.22
N GLY A 236 13.10 -20.10 -9.92
CA GLY A 236 12.70 -21.31 -10.63
C GLY A 236 12.92 -21.23 -12.13
N ALA A 237 11.90 -21.61 -12.90
CA ALA A 237 11.99 -21.59 -14.36
C ALA A 237 12.11 -20.17 -14.91
N ALA A 238 11.80 -19.18 -14.07
CA ALA A 238 11.93 -17.79 -14.48
C ALA A 238 11.15 -17.52 -15.77
N ILE A 239 9.85 -17.83 -15.76
CA ILE A 239 9.08 -17.83 -16.98
C ILE A 239 8.80 -16.44 -17.56
N SER A 240 9.16 -15.38 -16.84
CA SER A 240 8.93 -14.03 -17.35
C SER A 240 10.25 -13.37 -17.73
N GLY A 241 11.33 -14.15 -17.69
CA GLY A 241 12.65 -13.65 -18.01
C GLY A 241 13.44 -13.27 -16.77
N PRO A 242 14.64 -12.70 -16.97
CA PRO A 242 15.52 -12.28 -15.88
C PRO A 242 14.86 -11.22 -15.00
N VAL A 243 15.24 -11.23 -13.72
CA VAL A 243 14.76 -10.24 -12.77
C VAL A 243 15.99 -9.71 -12.01
N ASP A 244 16.28 -8.42 -12.15
CA ASP A 244 17.51 -7.86 -11.57
C ASP A 244 17.26 -6.47 -10.99
N ASN A 245 17.03 -6.39 -9.68
CA ASN A 245 16.79 -5.12 -9.02
C ASN A 245 17.17 -5.18 -7.56
N ARG A 246 17.94 -4.19 -7.13
CA ARG A 246 18.09 -3.93 -5.74
C ARG A 246 17.48 -2.57 -5.55
N ASN A 247 16.80 -2.40 -4.42
CA ASN A 247 16.03 -1.21 -4.12
C ASN A 247 16.45 -0.71 -2.75
N LEU A 248 17.14 0.44 -2.70
CA LEU A 248 17.53 1.09 -1.44
C LEU A 248 16.72 2.38 -1.25
N ASN A 249 15.96 2.45 -0.18
CA ASN A 249 15.16 3.64 0.07
C ASN A 249 14.99 3.91 1.55
N ALA A 250 14.92 5.20 1.91
CA ALA A 250 14.85 5.61 3.30
C ALA A 250 13.99 6.86 3.43
N MET A 251 13.24 6.93 4.53
CA MET A 251 12.50 8.15 4.85
C MET A 251 12.93 8.63 6.23
N LEU A 252 13.41 9.88 6.30
CA LEU A 252 13.74 10.53 7.57
C LEU A 252 12.68 11.59 7.87
N THR A 253 12.02 11.46 9.02
CA THR A 253 10.91 12.36 9.33
C THR A 253 11.15 13.03 10.68
N LEU A 254 11.19 14.35 10.66
CA LEU A 254 11.31 15.11 11.89
C LEU A 254 9.92 15.58 12.29
N ARG A 255 9.42 15.05 13.41
CA ARG A 255 8.12 15.45 13.92
C ARG A 255 8.36 16.56 14.95
N ALA A 256 7.56 17.63 14.86
CA ALA A 256 7.71 18.76 15.79
C ALA A 256 6.37 19.38 16.14
N GLY A 257 5.86 19.08 17.33
CA GLY A 257 4.52 19.50 17.69
C GLY A 257 3.51 19.05 16.65
N ALA A 258 2.86 20.01 16.00
CA ALA A 258 1.84 19.72 14.99
C ALA A 258 2.42 19.67 13.55
N HIS A 259 3.71 19.95 13.41
CA HIS A 259 4.40 19.92 12.12
C HIS A 259 5.18 18.62 11.93
N ALA A 260 5.39 18.21 10.68
CA ALA A 260 6.35 17.15 10.35
C ALA A 260 7.09 17.48 9.07
N PHE A 261 8.40 17.27 9.09
CA PHE A 261 9.28 17.58 7.97
C PHE A 261 10.06 16.33 7.55
N GLY A 262 9.92 15.93 6.30
CA GLY A 262 10.51 14.70 5.83
C GLY A 262 11.41 14.81 4.61
N ILE A 263 12.43 13.96 4.58
CA ILE A 263 13.28 13.76 3.41
C ILE A 263 13.31 12.26 3.09
N GLY A 264 13.20 11.95 1.81
CA GLY A 264 13.29 10.60 1.33
C GLY A 264 14.32 10.49 0.24
N VAL A 265 15.05 9.38 0.25
CA VAL A 265 15.95 9.04 -0.84
C VAL A 265 15.66 7.62 -1.28
N GLN A 266 15.82 7.35 -2.56
CA GLN A 266 15.43 6.06 -3.15
C GLN A 266 16.32 5.82 -4.36
N LYS A 267 16.76 4.59 -4.51
CA LYS A 267 17.69 4.25 -5.57
C LYS A 267 17.42 2.84 -6.13
N MET A 268 17.11 2.77 -7.43
CA MET A 268 16.98 1.50 -8.14
C MET A 268 18.34 1.12 -8.72
N ILE A 269 18.75 -0.12 -8.49
CA ILE A 269 20.01 -0.64 -9.00
C ILE A 269 19.76 -1.93 -9.75
N GLY A 270 20.36 -2.02 -10.95
CA GLY A 270 20.21 -3.19 -11.80
C GLY A 270 19.45 -2.78 -13.04
N ASN A 271 19.14 -3.70 -13.93
CA ASN A 271 18.48 -3.23 -15.15
C ASN A 271 16.95 -3.22 -15.11
N ASP A 272 16.36 -3.76 -14.03
CA ASP A 272 14.90 -3.79 -13.90
C ASP A 272 14.30 -2.75 -12.93
N ALA A 273 13.06 -2.37 -13.20
CA ALA A 273 12.26 -1.67 -12.22
C ALA A 273 12.03 -2.56 -11.00
N PHE A 274 11.68 -1.95 -9.87
CA PHE A 274 11.32 -2.70 -8.69
C PHE A 274 10.09 -3.59 -8.93
N PRO A 275 10.23 -4.91 -8.73
CA PRO A 275 9.12 -5.84 -8.94
C PRO A 275 8.04 -5.73 -7.87
N VAL A 276 6.80 -5.51 -8.30
CA VAL A 276 5.64 -5.67 -7.43
C VAL A 276 4.65 -6.60 -8.12
N LEU A 277 3.80 -7.25 -7.33
CA LEU A 277 2.70 -8.05 -7.88
C LEU A 277 1.74 -7.20 -8.72
N ASN A 278 1.19 -7.81 -9.78
CA ASN A 278 0.23 -7.14 -10.64
C ASN A 278 -1.02 -6.71 -9.87
N GLY A 279 -1.78 -5.80 -10.46
CA GLY A 279 -3.01 -5.31 -9.84
C GLY A 279 -2.79 -4.01 -9.08
N TYR A 280 -1.77 -3.25 -9.49
CA TYR A 280 -1.45 -1.99 -8.82
C TYR A 280 -1.16 -2.14 -7.32
N THR A 281 -0.66 -3.30 -6.95
CA THR A 281 -0.16 -3.51 -5.60
C THR A 281 0.81 -2.37 -5.29
N THR A 282 0.76 -1.90 -4.06
CA THR A 282 1.55 -0.72 -3.67
C THR A 282 2.97 -1.17 -3.37
N PRO A 283 3.96 -0.59 -4.07
CA PRO A 283 5.35 -0.87 -3.75
C PRO A 283 5.67 -0.24 -2.39
N TYR A 284 6.25 -1.01 -1.48
CA TYR A 284 6.50 -0.55 -0.12
C TYR A 284 7.78 0.31 -0.08
N VAL A 285 7.70 1.53 -0.61
CA VAL A 285 8.87 2.36 -0.83
C VAL A 285 8.71 3.79 -0.34
N ALA A 286 9.80 4.35 0.18
CA ALA A 286 9.85 5.73 0.68
C ALA A 286 9.24 6.77 -0.27
N ASN A 287 9.65 6.76 -1.53
CA ASN A 287 9.26 7.82 -2.45
C ASN A 287 7.99 7.54 -3.27
N LEU A 288 7.16 6.63 -2.77
CA LEU A 288 5.88 6.35 -3.38
C LEU A 288 5.03 7.62 -3.43
N MET A 289 4.44 7.91 -4.58
CA MET A 289 3.59 9.09 -4.73
C MET A 289 2.19 8.73 -5.22
N ALA A 290 1.30 9.71 -5.30
CA ALA A 290 -0.08 9.45 -5.69
C ALA A 290 -0.18 8.83 -7.09
N TYR A 291 0.66 9.31 -8.00
CA TYR A 291 0.65 8.80 -9.38
C TYR A 291 1.83 7.85 -9.66
N GLN A 292 3.05 8.37 -9.58
CA GLN A 292 4.24 7.54 -9.86
C GLN A 292 4.86 6.91 -8.62
N THR A 293 5.51 5.77 -8.81
CA THR A 293 6.18 5.07 -7.71
C THR A 293 7.68 5.36 -7.65
N PHE A 294 8.22 5.97 -8.70
CA PHE A 294 9.64 6.31 -8.76
C PHE A 294 10.54 5.10 -8.55
N THR A 295 10.16 3.99 -9.19
CA THR A 295 10.91 2.74 -9.12
C THR A 295 11.28 2.24 -10.52
N ARG A 296 11.42 3.17 -11.46
CA ARG A 296 11.73 2.81 -12.85
C ARG A 296 13.18 2.36 -12.95
N PRO A 297 13.55 1.66 -14.04
CA PRO A 297 14.90 1.07 -14.06
C PRO A 297 15.99 2.13 -13.81
N GLN A 298 16.87 1.86 -12.85
CA GLN A 298 17.99 2.75 -12.53
C GLN A 298 17.64 4.14 -11.97
N GLU A 299 16.39 4.34 -11.57
CA GLU A 299 15.98 5.67 -11.12
C GLU A 299 16.51 6.05 -9.73
N LYS A 300 17.03 7.26 -9.62
CA LYS A 300 17.44 7.83 -8.33
C LYS A 300 16.49 8.98 -8.03
N SER A 301 15.95 9.03 -6.82
CA SER A 301 14.98 10.06 -6.49
C SER A 301 15.11 10.50 -5.05
N TRP A 302 14.72 11.75 -4.81
CA TRP A 302 14.68 12.29 -3.46
C TRP A 302 13.32 12.94 -3.23
N GLN A 303 12.95 13.03 -1.97
CA GLN A 303 11.64 13.54 -1.60
C GLN A 303 11.77 14.61 -0.51
N LEU A 304 10.93 15.63 -0.60
CA LEU A 304 10.66 16.53 0.51
C LEU A 304 9.16 16.50 0.81
N ARG A 305 8.82 16.39 2.09
CA ARG A 305 7.43 16.32 2.51
C ARG A 305 7.16 17.15 3.77
N TYR A 306 6.02 17.84 3.78
CA TYR A 306 5.62 18.62 4.93
C TYR A 306 4.21 18.25 5.36
N ASP A 307 4.01 18.06 6.66
CA ASP A 307 2.70 17.78 7.21
C ASP A 307 2.28 18.82 8.23
N TYR A 308 1.01 19.14 8.26
CA TYR A 308 0.47 19.98 9.31
C TYR A 308 -0.86 19.47 9.87
N ASP A 309 -0.92 19.33 11.19
CA ASP A 309 -2.15 19.02 11.90
C ASP A 309 -2.73 20.34 12.43
N PHE A 310 -3.95 20.67 12.00
CA PHE A 310 -4.56 21.96 12.32
C PHE A 310 -5.28 21.99 13.67
N ALA A 311 -5.18 20.90 14.43
CA ALA A 311 -5.87 20.80 15.73
C ALA A 311 -5.58 21.98 16.68
N GLY A 312 -4.30 22.30 16.86
CA GLY A 312 -3.90 23.41 17.72
C GLY A 312 -4.47 24.75 17.27
N LEU A 313 -4.64 24.88 15.96
CA LEU A 313 -5.17 26.10 15.38
C LEU A 313 -6.69 26.20 15.59
N GLY A 314 -7.26 25.23 16.28
CA GLY A 314 -8.69 25.22 16.53
C GLY A 314 -9.51 24.37 15.56
N LEU A 315 -8.83 23.72 14.62
CA LEU A 315 -9.51 22.91 13.61
C LEU A 315 -9.11 21.44 13.67
N PRO A 316 -9.52 20.73 14.72
CA PRO A 316 -9.19 19.31 14.80
C PRO A 316 -9.81 18.57 13.61
N GLY A 317 -9.15 17.53 13.13
CA GLY A 317 -9.64 16.75 12.01
C GLY A 317 -9.19 17.26 10.66
N LEU A 318 -8.51 18.40 10.65
CA LEU A 318 -8.01 18.95 9.40
C LEU A 318 -6.49 18.76 9.31
N ASN A 319 -6.01 18.26 8.17
CA ASN A 319 -4.57 17.99 7.97
C ASN A 319 -4.13 18.37 6.57
N LEU A 320 -2.98 19.04 6.49
CA LEU A 320 -2.33 19.35 5.23
C LEU A 320 -1.13 18.42 5.02
N MET A 321 -1.03 17.82 3.83
CA MET A 321 0.19 17.12 3.43
C MET A 321 0.62 17.60 2.06
N THR A 322 1.87 18.03 1.92
CA THR A 322 2.40 18.35 0.60
C THR A 322 3.79 17.75 0.45
N ARG A 323 4.05 17.13 -0.68
CA ARG A 323 5.31 16.45 -0.88
C ARG A 323 5.72 16.57 -2.34
N TYR A 324 7.02 16.48 -2.58
CA TYR A 324 7.58 16.63 -3.90
C TYR A 324 8.67 15.58 -4.05
N VAL A 325 8.67 14.89 -5.17
CA VAL A 325 9.68 13.89 -5.45
C VAL A 325 10.22 14.14 -6.83
N GLN A 326 11.54 14.06 -6.96
CA GLN A 326 12.20 14.30 -8.23
C GLN A 326 13.09 13.13 -8.57
N GLY A 327 12.90 12.57 -9.76
CA GLY A 327 13.64 11.39 -10.19
C GLY A 327 14.52 11.61 -11.42
N ARG A 328 15.61 10.86 -11.52
CA ARG A 328 16.56 11.02 -12.62
C ARG A 328 17.22 9.70 -12.96
N ASP A 329 18.03 9.71 -14.02
CA ASP A 329 18.79 8.53 -14.47
C ASP A 329 17.88 7.37 -14.88
N ILE A 330 16.66 7.69 -15.31
CA ILE A 330 15.75 6.63 -15.73
C ILE A 330 16.24 6.01 -17.04
N ASP A 331 16.50 4.71 -17.01
CA ASP A 331 17.03 4.03 -18.20
C ASP A 331 15.97 3.92 -19.29
N ARG A 332 16.26 4.49 -20.46
CA ARG A 332 15.38 4.34 -21.62
C ARG A 332 15.98 3.39 -22.66
N GLY A 333 17.07 2.72 -22.30
CA GLY A 333 17.61 1.64 -23.11
C GLY A 333 18.71 2.03 -24.07
N ALA A 334 18.73 1.33 -25.20
CA ALA A 334 19.68 1.55 -26.30
C ALA A 334 20.88 2.38 -25.88
N GLY A 335 21.02 3.54 -26.52
CA GLY A 335 21.99 4.53 -26.11
C GLY A 335 21.28 5.87 -25.96
N ARG A 336 20.01 5.79 -25.57
CA ARG A 336 19.16 6.97 -25.45
C ARG A 336 19.47 7.77 -24.20
N ALA A 337 19.01 9.01 -24.17
CA ALA A 337 19.15 9.84 -23.00
C ALA A 337 18.21 9.33 -21.92
N ASP A 338 18.72 9.27 -20.69
CA ASP A 338 17.92 8.93 -19.54
C ASP A 338 16.71 9.84 -19.40
N ASP A 339 15.60 9.30 -18.93
CA ASP A 339 14.45 10.14 -18.64
C ASP A 339 14.61 10.69 -17.23
N SER A 340 13.78 11.69 -16.91
CA SER A 340 13.70 12.21 -15.55
C SER A 340 12.27 12.66 -15.33
N GLU A 341 11.85 12.75 -14.07
CA GLU A 341 10.47 13.05 -13.76
C GLU A 341 10.36 13.73 -12.41
N TRP A 342 9.26 14.44 -12.19
CA TRP A 342 8.94 14.95 -10.87
C TRP A 342 7.45 14.90 -10.59
N GLU A 343 7.09 14.84 -9.31
CA GLU A 343 5.69 14.84 -8.93
C GLU A 343 5.51 15.65 -7.66
N ARG A 344 4.42 16.41 -7.61
CA ARG A 344 4.01 17.04 -6.38
C ARG A 344 2.61 16.55 -6.02
N ASN A 345 2.40 16.29 -4.74
CA ASN A 345 1.10 15.89 -4.19
C ASN A 345 0.75 16.83 -3.08
N THR A 346 -0.44 17.42 -3.14
CA THR A 346 -0.94 18.20 -2.03
C THR A 346 -2.28 17.64 -1.63
N ASP A 347 -2.38 17.21 -0.38
CA ASP A 347 -3.62 16.64 0.14
C ASP A 347 -4.13 17.50 1.27
N LEU A 348 -5.42 17.81 1.21
CA LEU A 348 -6.09 18.40 2.34
C LEU A 348 -7.13 17.40 2.78
N SER A 349 -7.06 16.99 4.02
CA SER A 349 -7.99 15.99 4.51
C SER A 349 -8.72 16.54 5.73
N TYR A 350 -10.00 16.21 5.84
CA TYR A 350 -10.81 16.69 6.94
C TYR A 350 -11.76 15.61 7.44
N VAL A 351 -11.60 15.22 8.71
CA VAL A 351 -12.56 14.36 9.36
C VAL A 351 -13.60 15.21 10.08
N ILE A 352 -14.83 15.16 9.59
CA ILE A 352 -15.92 15.93 10.19
C ILE A 352 -16.10 15.53 11.66
N GLN A 353 -16.08 16.54 12.53
CA GLN A 353 -15.98 16.32 13.98
C GLN A 353 -17.31 16.18 14.73
N SER A 354 -18.40 16.65 14.12
CA SER A 354 -19.69 16.67 14.81
C SER A 354 -20.84 16.79 13.82
N GLY A 355 -22.07 16.70 14.30
CA GLY A 355 -23.23 16.82 13.44
C GLY A 355 -23.58 15.50 12.75
N PRO A 356 -24.52 15.56 11.79
CA PRO A 356 -25.05 14.37 11.13
C PRO A 356 -24.02 13.59 10.30
N LEU A 357 -22.94 14.25 9.86
CA LEU A 357 -21.91 13.58 9.07
C LEU A 357 -20.65 13.36 9.89
N LYS A 358 -20.79 13.41 11.22
CA LYS A 358 -19.68 13.14 12.13
C LYS A 358 -18.94 11.85 11.75
N SER A 359 -17.62 11.95 11.67
CA SER A 359 -16.71 10.84 11.33
C SER A 359 -16.60 10.60 9.83
N VAL A 360 -17.41 11.28 9.03
CA VAL A 360 -17.19 11.27 7.58
C VAL A 360 -15.87 11.95 7.25
N ALA A 361 -15.04 11.30 6.44
CA ALA A 361 -13.74 11.84 6.07
C ALA A 361 -13.73 12.37 4.65
N LEU A 362 -13.19 13.56 4.46
CA LEU A 362 -13.07 14.15 3.14
C LEU A 362 -11.60 14.26 2.78
N LYS A 363 -11.27 14.03 1.52
CA LYS A 363 -9.91 14.24 1.05
C LYS A 363 -9.87 14.92 -0.31
N TRP A 364 -9.21 16.06 -0.39
CA TRP A 364 -8.92 16.69 -1.67
C TRP A 364 -7.44 16.47 -1.97
N ARG A 365 -7.16 15.91 -3.14
CA ARG A 365 -5.79 15.63 -3.56
C ARG A 365 -5.49 16.34 -4.87
N ASN A 366 -4.40 17.11 -4.89
CA ASN A 366 -3.91 17.73 -6.11
C ASN A 366 -2.65 17.03 -6.57
N ILE A 367 -2.64 16.60 -7.82
CA ILE A 367 -1.51 15.86 -8.36
C ILE A 367 -0.89 16.57 -9.56
N THR A 368 0.39 16.88 -9.47
CA THR A 368 1.09 17.48 -10.61
C THR A 368 2.30 16.63 -10.93
N TYR A 369 2.43 16.23 -12.19
CA TYR A 369 3.49 15.33 -12.62
C TYR A 369 4.02 15.72 -14.00
N ARG A 370 5.34 15.75 -14.12
CA ARG A 370 6.00 16.03 -15.40
C ARG A 370 7.17 15.08 -15.61
N SER A 371 7.39 14.67 -16.85
CA SER A 371 8.60 13.92 -17.20
C SER A 371 9.17 14.49 -18.50
N ARG A 372 10.45 14.22 -18.75
CA ARG A 372 11.13 14.76 -19.92
C ARG A 372 10.70 14.08 -21.22
N TYR A 373 10.69 12.76 -21.24
CA TYR A 373 10.40 12.00 -22.46
C TYR A 373 9.08 11.24 -22.47
N GLY A 374 8.34 11.27 -21.35
CA GLY A 374 7.06 10.59 -21.27
C GLY A 374 5.90 11.56 -21.10
N ALA A 375 4.95 11.18 -20.25
CA ALA A 375 3.72 11.94 -20.11
C ALA A 375 3.81 13.06 -19.08
N ASP A 376 2.84 13.98 -19.14
CA ASP A 376 2.60 14.98 -18.11
C ASP A 376 1.19 14.75 -17.57
N LEU A 377 0.96 15.10 -16.31
CA LEU A 377 -0.34 14.89 -15.69
C LEU A 377 -0.70 15.97 -14.69
N ASP A 378 -1.94 16.43 -14.78
CA ASP A 378 -2.54 17.23 -13.72
C ASP A 378 -3.83 16.54 -13.38
N GLU A 379 -4.11 16.46 -12.09
CA GLU A 379 -5.24 15.70 -11.64
C GLU A 379 -5.70 16.19 -10.28
N ASN A 380 -7.01 16.24 -10.12
CA ASN A 380 -7.60 16.51 -8.83
C ASN A 380 -8.52 15.37 -8.47
N ARG A 381 -8.47 14.94 -7.22
CA ARG A 381 -9.39 13.92 -6.75
C ARG A 381 -10.13 14.46 -5.57
N PHE A 382 -11.37 14.00 -5.40
CA PHE A 382 -12.09 14.26 -4.17
C PHE A 382 -12.71 12.94 -3.72
N ILE A 383 -12.36 12.53 -2.52
CA ILE A 383 -12.75 11.25 -1.98
C ILE A 383 -13.48 11.44 -0.67
N VAL A 384 -14.63 10.78 -0.53
CA VAL A 384 -15.38 10.79 0.72
C VAL A 384 -15.44 9.37 1.26
N ASN A 385 -14.94 9.19 2.48
CA ASN A 385 -14.96 7.88 3.12
C ASN A 385 -15.89 7.88 4.30
N TYR A 386 -16.61 6.78 4.49
CA TYR A 386 -17.38 6.62 5.70
C TYR A 386 -17.63 5.16 6.03
N THR A 387 -17.53 4.84 7.31
CA THR A 387 -17.82 3.49 7.76
C THR A 387 -19.06 3.46 8.65
N LEU A 388 -20.07 2.75 8.17
CA LEU A 388 -21.31 2.56 8.91
C LEU A 388 -21.24 1.26 9.72
N LYS A 389 -21.55 1.33 11.01
CA LYS A 389 -21.58 0.13 11.84
C LYS A 389 -22.95 -0.50 11.76
N LEU A 390 -23.04 -1.73 11.24
CA LEU A 390 -24.32 -2.41 11.13
C LEU A 390 -24.71 -3.09 12.45
N TRP A 391 -23.71 -3.55 13.20
CA TRP A 391 -23.97 -4.15 14.52
C TRP A 391 -22.70 -4.57 15.24
#